data_2NQY
#
_entry.id   2NQY
#
_cell.length_a   78.363
_cell.length_b   78.363
_cell.length_c   140.840
_cell.angle_alpha   90.00
_cell.angle_beta   90.00
_cell.angle_gamma   90.00
#
_symmetry.space_group_name_H-M   'P 43 21 2'
#
loop_
_entity.id
_entity.type
_entity.pdbx_description
1 polymer 'FAMILY 11 XYLANASE'
2 branched beta-D-xylopyranose-(1-4)-beta-D-xylopyranose
3 non-polymer beta-D-xylopyranose
4 water water
#
_entity_poly.entity_id   1
_entity_poly.type   'polypeptide(L)'
_entity_poly.pdbx_seq_one_letter_code
;EIVTDNSTGNHDGYDYEFWKDSGGSGTMILNSGGTFSASWSSVSNILFRKGKKFNETQTHQQVGNMSISYGANFQPSGNA
YLCVYGWTVSPLVEYYIVDSWGNWRPPGATPKGTITVDGGTYDIYETDRTNQPSIKGVATFSQYWSTRRSKRTSGTISVS
NHFRAWESLGMNMGDMYEVALTVEGYQSSGSANVYSNTLRINGNPL
;
_entity_poly.pdbx_strand_id   A,B
#
# COMPACT_ATOMS: atom_id res chain seq x y z
N GLU A 1 2.20 -14.79 8.65
CA GLU A 1 0.91 -14.06 8.77
C GLU A 1 0.96 -12.87 9.75
N ILE A 2 0.09 -12.84 10.76
CA ILE A 2 -0.03 -11.68 11.64
C ILE A 2 0.79 -11.88 12.94
N VAL A 3 1.56 -10.86 13.31
CA VAL A 3 2.49 -10.97 14.43
C VAL A 3 2.32 -9.73 15.27
N THR A 4 2.03 -9.93 16.56
CA THR A 4 1.74 -8.84 17.47
C THR A 4 2.56 -8.96 18.75
N ASP A 5 3.45 -9.93 18.78
CA ASP A 5 4.30 -10.18 19.96
C ASP A 5 5.71 -10.57 19.51
N ASN A 6 6.70 -10.43 20.39
CA ASN A 6 8.10 -10.68 20.05
C ASN A 6 8.28 -12.05 19.44
N SER A 7 8.86 -12.10 18.25
CA SER A 7 8.91 -13.32 17.50
C SER A 7 9.99 -13.30 16.41
N THR A 8 10.62 -14.46 16.23
CA THR A 8 11.66 -14.69 15.25
C THR A 8 11.27 -15.92 14.41
N GLY A 9 11.39 -15.83 13.10
CA GLY A 9 11.15 -16.97 12.26
C GLY A 9 11.51 -16.68 10.82
N ASN A 10 11.18 -17.63 9.94
CA ASN A 10 11.42 -17.47 8.53
C ASN A 10 10.13 -17.43 7.73
N HIS A 11 9.92 -16.35 7.00
CA HIS A 11 8.74 -16.25 6.15
C HIS A 11 9.13 -15.99 4.71
N ASP A 12 8.68 -16.89 3.82
CA ASP A 12 8.92 -16.76 2.39
C ASP A 12 10.40 -16.53 2.06
N GLY A 13 11.29 -17.23 2.79
CA GLY A 13 12.73 -17.13 2.55
C GLY A 13 13.44 -16.07 3.40
N TYR A 14 12.68 -15.11 3.92
CA TYR A 14 13.23 -14.00 4.71
C TYR A 14 13.06 -14.20 6.20
N ASP A 15 14.14 -13.96 6.93
CA ASP A 15 14.09 -14.03 8.38
C ASP A 15 13.40 -12.76 8.87
N TYR A 16 12.27 -12.96 9.53
CA TYR A 16 11.55 -11.83 10.06
C TYR A 16 11.76 -11.76 11.55
N GLU A 17 11.60 -10.55 12.09
CA GLU A 17 11.55 -10.38 13.53
C GLU A 17 10.68 -9.21 13.92
N PHE A 18 9.88 -9.45 14.97
CA PHE A 18 9.07 -8.45 15.65
C PHE A 18 9.75 -8.32 16.99
N TRP A 19 10.07 -7.10 17.39
CA TRP A 19 10.62 -6.89 18.71
C TRP A 19 10.11 -5.59 19.29
N LYS A 20 9.54 -5.67 20.48
CA LYS A 20 9.22 -4.48 21.27
C LYS A 20 9.49 -4.74 22.73
N ASP A 21 9.74 -3.65 23.48
CA ASP A 21 9.77 -3.70 24.94
C ASP A 21 8.34 -3.44 25.44
N SER A 22 8.14 -3.34 26.76
CA SER A 22 6.76 -3.15 27.27
C SER A 22 6.20 -1.78 26.92
N GLY A 23 4.88 -1.70 26.79
CA GLY A 23 4.19 -0.44 26.51
C GLY A 23 3.64 -0.40 25.10
N GLY A 24 2.41 0.07 24.96
CA GLY A 24 1.81 0.22 23.64
C GLY A 24 1.69 -1.08 22.89
N SER A 25 1.38 -1.01 21.60
CA SER A 25 1.26 -2.23 20.82
C SER A 25 1.75 -2.09 19.38
N GLY A 26 2.00 -3.22 18.74
CA GLY A 26 2.38 -3.24 17.36
C GLY A 26 1.84 -4.44 16.63
N THR A 27 1.61 -4.24 15.33
CA THR A 27 1.14 -5.28 14.43
C THR A 27 2.00 -5.37 13.16
N MET A 28 2.52 -6.56 12.89
CA MET A 28 3.31 -6.81 11.69
C MET A 28 2.59 -7.82 10.80
N ILE A 29 2.42 -7.52 9.52
CA ILE A 29 1.81 -8.50 8.64
C ILE A 29 2.84 -8.92 7.64
N LEU A 30 3.08 -10.22 7.57
CA LEU A 30 4.12 -10.77 6.71
C LEU A 30 3.53 -11.06 5.33
N ASN A 31 4.07 -10.38 4.33
CA ASN A 31 3.61 -10.53 2.96
C ASN A 31 4.69 -11.22 2.14
N SER A 32 4.46 -11.36 0.84
CA SER A 32 5.34 -12.13 -0.04
C SER A 32 6.82 -11.68 -0.06
N GLY A 33 7.72 -12.66 -0.07
CA GLY A 33 9.17 -12.41 -0.02
C GLY A 33 9.60 -11.62 1.21
N GLY A 34 10.24 -10.49 0.98
CA GLY A 34 10.71 -9.60 2.06
C GLY A 34 9.75 -8.49 2.43
N THR A 35 8.55 -8.52 1.87
CA THR A 35 7.55 -7.50 2.14
C THR A 35 6.78 -7.75 3.43
N PHE A 36 6.41 -6.65 4.08
CA PHE A 36 5.62 -6.66 5.32
C PHE A 36 5.01 -5.27 5.56
N SER A 37 3.94 -5.23 6.35
CA SER A 37 3.42 -3.96 6.85
C SER A 37 3.60 -3.88 8.36
N ALA A 38 3.57 -2.66 8.88
CA ALA A 38 3.83 -2.42 10.28
C ALA A 38 2.94 -1.29 10.78
N SER A 39 2.36 -1.51 11.95
CA SER A 39 1.64 -0.47 12.70
C SER A 39 2.09 -0.53 14.13
N TRP A 40 2.24 0.64 14.73
CA TRP A 40 2.55 0.72 16.16
C TRP A 40 1.79 1.88 16.81
N SER A 41 1.52 1.75 18.12
CA SER A 41 0.78 2.76 18.89
C SER A 41 1.34 2.81 20.29
N SER A 42 1.74 4.01 20.72
CA SER A 42 2.19 4.26 22.09
C SER A 42 3.28 3.30 22.57
N VAL A 43 4.21 2.98 21.67
CA VAL A 43 5.34 2.13 22.02
C VAL A 43 6.44 2.94 22.71
N SER A 44 7.33 2.26 23.42
CA SER A 44 8.60 2.84 23.83
C SER A 44 9.56 2.54 22.66
N ASN A 45 10.01 1.28 22.56
CA ASN A 45 10.77 0.82 21.40
C ASN A 45 10.11 -0.33 20.64
N ILE A 46 10.16 -0.27 19.33
CA ILE A 46 9.63 -1.35 18.49
C ILE A 46 10.46 -1.41 17.21
N LEU A 47 10.70 -2.64 16.76
CA LEU A 47 11.38 -2.91 15.49
C LEU A 47 10.60 -3.94 14.67
N PHE A 48 10.50 -3.68 13.36
CA PHE A 48 9.90 -4.60 12.41
C PHE A 48 10.96 -4.83 11.32
N ARG A 49 11.26 -6.10 11.02
CA ARG A 49 12.24 -6.41 9.97
C ARG A 49 12.10 -7.75 9.26
N LYS A 50 12.66 -7.78 8.06
CA LYS A 50 12.82 -8.95 7.25
C LYS A 50 14.11 -8.79 6.47
N GLY A 51 15.00 -9.77 6.64
CA GLY A 51 16.24 -9.80 5.92
C GLY A 51 16.83 -11.19 6.06
N LYS A 52 18.07 -11.22 6.56
CA LYS A 52 18.85 -12.45 6.70
C LYS A 52 19.59 -12.48 8.02
N LYS A 53 19.39 -13.56 8.78
CA LYS A 53 20.15 -13.84 9.99
C LYS A 53 21.31 -14.80 9.70
N PHE A 54 22.46 -14.54 10.30
CA PHE A 54 23.67 -15.31 10.02
C PHE A 54 24.12 -16.07 11.26
N ASN A 55 24.95 -17.09 11.09
CA ASN A 55 25.41 -17.86 12.24
C ASN A 55 26.66 -17.31 12.94
N GLU A 56 26.93 -16.02 12.81
CA GLU A 56 28.01 -15.35 13.53
C GLU A 56 29.39 -15.99 13.31
N THR A 57 29.68 -16.41 12.08
CA THR A 57 30.98 -17.03 11.79
C THR A 57 31.73 -16.26 10.72
N GLN A 58 31.06 -15.35 10.02
CA GLN A 58 31.70 -14.68 8.86
C GLN A 58 31.73 -13.18 8.99
N THR A 59 32.77 -12.57 8.44
CA THR A 59 32.84 -11.12 8.31
C THR A 59 31.96 -10.75 7.12
N HIS A 60 31.65 -9.46 6.94
CA HIS A 60 30.83 -9.04 5.83
C HIS A 60 31.50 -9.37 4.49
N GLN A 61 32.83 -9.18 4.44
CA GLN A 61 33.62 -9.59 3.28
C GLN A 61 33.42 -11.06 2.91
N GLN A 62 33.41 -11.94 3.92
CA GLN A 62 33.23 -13.38 3.69
C GLN A 62 31.79 -13.77 3.29
N VAL A 63 30.81 -13.11 3.90
CA VAL A 63 29.42 -13.24 3.45
C VAL A 63 29.30 -12.87 1.96
N GLY A 64 29.85 -11.72 1.57
CA GLY A 64 29.84 -11.29 0.18
C GLY A 64 29.21 -9.92 0.09
N ASN A 65 29.02 -9.44 -1.15
CA ASN A 65 28.51 -8.11 -1.40
C ASN A 65 27.02 -8.07 -1.15
N MET A 66 26.59 -7.19 -0.26
CA MET A 66 25.19 -7.11 0.13
C MET A 66 24.52 -5.87 -0.43
N SER A 67 23.30 -6.05 -0.93
CA SER A 67 22.54 -4.96 -1.54
C SER A 67 21.06 -5.26 -1.39
N ILE A 68 20.27 -4.21 -1.14
CA ILE A 68 18.83 -4.30 -0.96
C ILE A 68 18.11 -3.32 -1.87
N SER A 69 17.15 -3.80 -2.67
CA SER A 69 16.22 -2.92 -3.36
C SER A 69 14.95 -2.89 -2.54
N TYR A 70 14.45 -1.70 -2.23
CA TYR A 70 13.28 -1.59 -1.38
C TYR A 70 12.35 -0.46 -1.84
N GLY A 71 11.08 -0.56 -1.47
CA GLY A 71 10.13 0.54 -1.57
C GLY A 71 9.18 0.47 -0.40
N ALA A 72 8.92 1.60 0.23
CA ALA A 72 7.98 1.64 1.35
C ALA A 72 7.10 2.89 1.33
N ASN A 73 5.87 2.73 1.81
CA ASN A 73 5.00 3.85 2.10
C ASN A 73 5.20 4.05 3.60
N PHE A 74 5.83 5.15 3.96
CA PHE A 74 6.34 5.32 5.31
C PHE A 74 5.60 6.46 5.99
N GLN A 75 4.73 6.10 6.96
CA GLN A 75 3.82 7.07 7.59
C GLN A 75 3.92 7.12 9.12
N PRO A 76 5.07 7.60 9.65
CA PRO A 76 5.19 7.70 11.10
C PRO A 76 4.59 9.00 11.67
N SER A 77 4.03 8.91 12.88
CA SER A 77 3.55 10.08 13.64
C SER A 77 4.47 10.25 14.87
N GLY A 78 5.64 10.83 14.64
CA GLY A 78 6.64 10.95 15.68
C GLY A 78 7.96 10.36 15.23
N ASN A 79 8.76 9.93 16.19
CA ASN A 79 10.08 9.39 15.94
C ASN A 79 10.01 7.96 15.39
N ALA A 80 10.60 7.77 14.20
CA ALA A 80 10.70 6.47 13.52
C ALA A 80 11.81 6.48 12.47
N TYR A 81 12.31 5.30 12.09
CA TYR A 81 13.33 5.16 11.05
C TYR A 81 12.92 4.13 10.03
N LEU A 82 13.15 4.42 8.76
CA LEU A 82 13.13 3.43 7.70
C LEU A 82 14.60 3.20 7.31
N CYS A 83 15.08 1.97 7.49
CA CYS A 83 16.51 1.72 7.50
C CYS A 83 16.87 0.26 7.21
N VAL A 84 18.14 0.05 6.88
CA VAL A 84 18.74 -1.27 6.94
C VAL A 84 19.37 -1.36 8.31
N TYR A 85 19.18 -2.50 8.98
CA TYR A 85 19.56 -2.64 10.38
C TYR A 85 20.21 -4.00 10.61
N GLY A 86 20.99 -4.11 11.67
CA GLY A 86 21.56 -5.41 11.99
C GLY A 86 22.58 -5.38 13.10
N TRP A 87 23.28 -6.52 13.25
CA TRP A 87 24.34 -6.69 14.24
C TRP A 87 25.56 -7.43 13.73
N THR A 88 26.68 -7.18 14.42
CA THR A 88 27.85 -8.07 14.38
C THR A 88 28.16 -8.45 15.80
N VAL A 89 28.99 -9.48 15.94
CA VAL A 89 29.58 -9.91 17.22
C VAL A 89 31.09 -9.96 17.05
N SER A 90 31.83 -9.79 18.16
CA SER A 90 33.30 -9.78 18.21
C SER A 90 33.95 -8.79 17.21
N PRO A 91 33.68 -7.47 17.36
CA PRO A 91 32.91 -6.74 18.39
C PRO A 91 31.38 -6.79 18.19
N LEU A 92 30.68 -6.61 19.30
CA LEU A 92 29.25 -6.49 19.32
C LEU A 92 28.95 -5.08 18.84
N VAL A 93 28.22 -5.00 17.73
CA VAL A 93 27.86 -3.72 17.12
C VAL A 93 26.42 -3.78 16.63
N GLU A 94 25.65 -2.75 16.97
CA GLU A 94 24.35 -2.52 16.35
C GLU A 94 24.51 -1.46 15.27
N TYR A 95 24.00 -1.73 14.06
CA TYR A 95 24.23 -0.80 12.97
C TYR A 95 22.98 -0.33 12.23
N TYR A 96 23.13 0.80 11.53
CA TYR A 96 22.02 1.48 10.88
C TYR A 96 22.49 2.11 9.60
N ILE A 97 21.69 1.95 8.56
CA ILE A 97 21.76 2.78 7.35
C ILE A 97 20.35 3.30 7.15
N VAL A 98 20.16 4.58 7.50
CA VAL A 98 18.86 5.19 7.58
C VAL A 98 18.60 6.04 6.32
N ASP A 99 17.55 5.70 5.57
CA ASP A 99 17.11 6.46 4.41
C ASP A 99 16.01 7.46 4.72
N SER A 100 15.17 7.13 5.70
CA SER A 100 14.13 8.06 6.15
C SER A 100 13.90 8.01 7.66
N TRP A 101 13.24 9.05 8.17
CA TRP A 101 12.96 9.20 9.59
C TRP A 101 11.70 10.02 9.78
N GLY A 102 11.31 10.24 11.04
CA GLY A 102 10.09 10.98 11.33
C GLY A 102 10.39 12.43 11.64
N ASN A 103 10.19 12.82 12.89
CA ASN A 103 10.37 14.19 13.35
C ASN A 103 11.79 14.51 13.81
N TRP A 104 12.67 13.51 13.84
CA TRP A 104 14.03 13.69 14.34
C TRP A 104 15.05 12.88 13.53
N ARG A 105 16.03 13.58 12.94
CA ARG A 105 17.13 12.95 12.21
C ARG A 105 18.13 12.41 13.23
N PRO A 106 18.32 11.07 13.23
CA PRO A 106 19.24 10.45 14.18
C PRO A 106 20.69 10.61 13.74
N PRO A 107 21.67 10.34 14.64
CA PRO A 107 21.51 9.96 16.04
C PRO A 107 21.75 11.05 17.10
N GLY A 108 21.95 12.30 16.66
CA GLY A 108 22.33 13.39 17.56
C GLY A 108 23.78 13.30 18.00
N ALA A 109 24.70 13.24 17.05
CA ALA A 109 26.11 13.09 17.37
C ALA A 109 26.89 13.85 16.35
N THR A 110 28.20 13.96 16.56
CA THR A 110 29.07 14.62 15.62
C THR A 110 29.43 13.59 14.55
N PRO A 111 29.26 13.96 13.27
CA PRO A 111 29.63 13.06 12.19
C PRO A 111 31.14 12.75 12.20
N LYS A 112 31.51 11.56 11.74
CA LYS A 112 32.90 11.17 11.61
C LYS A 112 33.33 11.20 10.15
N GLY A 113 32.37 11.26 9.24
CA GLY A 113 32.67 11.33 7.84
C GLY A 113 31.39 11.24 7.06
N THR A 114 31.54 11.10 5.75
CA THR A 114 30.39 10.93 4.87
C THR A 114 30.71 9.87 3.83
N ILE A 115 29.64 9.32 3.26
CA ILE A 115 29.74 8.45 2.13
C ILE A 115 28.66 8.90 1.15
N THR A 116 29.07 8.99 -0.12
CA THR A 116 28.19 9.33 -1.23
C THR A 116 27.98 8.03 -1.98
N VAL A 117 26.73 7.59 -2.02
CA VAL A 117 26.39 6.26 -2.50
C VAL A 117 24.90 6.27 -2.80
N ASP A 118 24.47 5.50 -3.80
CA ASP A 118 23.05 5.33 -4.11
C ASP A 118 22.32 6.67 -4.30
N GLY A 119 22.95 7.56 -5.06
CA GLY A 119 22.37 8.85 -5.43
C GLY A 119 22.21 9.87 -4.32
N GLY A 120 22.83 9.65 -3.18
CA GLY A 120 22.71 10.57 -2.06
C GLY A 120 23.96 10.60 -1.24
N THR A 121 23.98 11.46 -0.21
CA THR A 121 25.08 11.56 0.75
C THR A 121 24.58 11.26 2.16
N TYR A 122 25.38 10.49 2.88
CA TYR A 122 25.08 10.06 4.22
C TYR A 122 26.18 10.57 5.14
N ASP A 123 25.77 11.12 6.29
CA ASP A 123 26.69 11.32 7.39
C ASP A 123 26.88 10.04 8.18
N ILE A 124 28.12 9.80 8.61
CA ILE A 124 28.49 8.64 9.37
C ILE A 124 28.78 9.01 10.85
N TYR A 125 28.24 8.21 11.77
CA TYR A 125 28.35 8.45 13.20
C TYR A 125 28.62 7.16 13.95
N GLU A 126 29.24 7.31 15.11
CA GLU A 126 29.43 6.20 16.03
C GLU A 126 28.93 6.64 17.40
N THR A 127 28.05 5.85 18.00
CA THR A 127 27.58 6.14 19.35
C THR A 127 27.80 4.93 20.26
N ASP A 128 27.57 5.12 21.56
CA ASP A 128 27.86 4.11 22.57
C ASP A 128 26.62 3.82 23.38
N ARG A 129 26.31 2.53 23.52
CA ARG A 129 25.26 2.09 24.43
C ARG A 129 25.92 1.34 25.60
N THR A 130 25.64 1.80 26.82
CA THR A 130 26.19 1.23 28.06
C THR A 130 25.13 0.43 28.83
N ASN A 131 25.34 -0.88 28.95
CA ASN A 131 24.44 -1.77 29.69
C ASN A 131 23.01 -1.65 29.23
N GLN A 132 22.83 -1.82 27.92
CA GLN A 132 21.52 -1.71 27.31
C GLN A 132 21.11 -3.07 26.78
N PRO A 133 19.81 -3.25 26.50
CA PRO A 133 19.35 -4.45 25.80
C PRO A 133 20.15 -4.69 24.52
N SER A 134 20.50 -5.95 24.27
CA SER A 134 21.13 -6.32 23.01
C SER A 134 20.72 -7.74 22.63
N ILE A 135 21.17 -8.19 21.47
CA ILE A 135 20.99 -9.57 21.03
C ILE A 135 21.70 -10.58 21.98
N LYS A 136 22.57 -10.05 22.83
CA LYS A 136 23.31 -10.85 23.81
C LYS A 136 22.98 -10.46 25.26
N GLY A 137 21.77 -10.01 25.53
CA GLY A 137 21.39 -9.57 26.86
C GLY A 137 21.87 -8.17 27.12
N VAL A 138 21.80 -7.75 28.38
CA VAL A 138 22.28 -6.45 28.80
C VAL A 138 23.76 -6.39 28.48
N ALA A 139 24.18 -5.39 27.70
CA ALA A 139 25.54 -5.31 27.19
C ALA A 139 25.96 -3.90 26.85
N THR A 140 27.27 -3.71 26.74
CA THR A 140 27.85 -2.46 26.26
C THR A 140 28.42 -2.70 24.86
N PHE A 141 28.05 -1.81 23.93
CA PHE A 141 28.30 -2.02 22.50
C PHE A 141 28.23 -0.70 21.78
N SER A 142 28.94 -0.59 20.66
CA SER A 142 28.83 0.58 19.77
C SER A 142 27.66 0.50 18.79
N GLN A 143 27.21 1.65 18.32
CA GLN A 143 26.29 1.73 17.17
C GLN A 143 26.96 2.48 16.05
N TYR A 144 26.85 1.94 14.83
CA TYR A 144 27.36 2.58 13.62
C TYR A 144 26.16 3.08 12.81
N TRP A 145 26.24 4.31 12.31
CA TRP A 145 25.16 4.94 11.56
C TRP A 145 25.64 5.50 10.26
N SER A 146 24.91 5.24 9.18
CA SER A 146 24.89 6.13 8.00
C SER A 146 23.49 6.72 7.92
N THR A 147 23.40 8.05 7.83
CA THR A 147 22.10 8.72 7.80
C THR A 147 22.02 9.63 6.57
N ARG A 148 21.09 9.33 5.67
CA ARG A 148 20.94 10.10 4.41
C ARG A 148 20.66 11.58 4.72
N ARG A 149 21.11 12.46 3.84
CA ARG A 149 20.93 13.89 4.09
C ARG A 149 19.56 14.40 3.75
N SER A 150 18.88 13.67 2.88
CA SER A 150 17.49 13.96 2.59
C SER A 150 16.74 12.64 2.54
N LYS A 151 15.53 12.63 3.09
CA LYS A 151 14.63 11.46 3.10
C LYS A 151 14.33 10.85 1.73
N ARG A 152 14.23 9.52 1.71
CA ARG A 152 13.97 8.72 0.52
C ARG A 152 13.26 7.46 1.03
N THR A 153 12.25 6.95 0.31
CA THR A 153 11.52 5.75 0.77
C THR A 153 11.51 4.61 -0.24
N SER A 154 12.35 4.71 -1.26
CA SER A 154 12.58 3.59 -2.18
C SER A 154 13.92 3.79 -2.88
N GLY A 155 14.50 2.72 -3.39
CA GLY A 155 15.80 2.77 -4.05
C GLY A 155 16.60 1.54 -3.71
N THR A 156 17.89 1.60 -4.02
CA THR A 156 18.84 0.54 -3.70
C THR A 156 19.70 1.03 -2.56
N ILE A 157 19.96 0.16 -1.59
CA ILE A 157 20.93 0.41 -0.53
C ILE A 157 22.09 -0.56 -0.72
N SER A 158 23.24 -0.01 -1.07
CA SER A 158 24.46 -0.74 -1.29
C SER A 158 25.11 -0.95 0.09
N VAL A 159 24.58 -1.92 0.81
CA VAL A 159 24.92 -2.16 2.21
C VAL A 159 26.43 -2.25 2.44
N SER A 160 27.10 -3.07 1.64
CA SER A 160 28.54 -3.31 1.80
C SER A 160 29.42 -2.06 1.60
N ASN A 161 29.00 -1.15 0.71
CA ASN A 161 29.67 0.15 0.54
C ASN A 161 29.74 0.91 1.86
N HIS A 162 28.65 0.91 2.62
CA HIS A 162 28.62 1.51 3.96
C HIS A 162 29.54 0.77 4.93
N PHE A 163 29.53 -0.56 4.87
CA PHE A 163 30.40 -1.37 5.73
C PHE A 163 31.87 -1.03 5.53
N ARG A 164 32.30 -1.00 4.27
CA ARG A 164 33.65 -0.60 3.88
C ARG A 164 33.98 0.83 4.33
N ALA A 165 33.06 1.77 4.09
CA ALA A 165 33.22 3.16 4.57
C ALA A 165 33.40 3.29 6.10
N TRP A 166 32.54 2.61 6.86
CA TRP A 166 32.71 2.53 8.30
C TRP A 166 34.09 2.05 8.71
N GLU A 167 34.52 0.93 8.16
CA GLU A 167 35.82 0.34 8.51
C GLU A 167 37.02 1.24 8.16
N SER A 168 36.96 1.92 7.02
CA SER A 168 37.91 3.00 6.68
C SER A 168 38.03 4.10 7.74
N LEU A 169 36.95 4.38 8.44
CA LEU A 169 36.96 5.39 9.50
C LEU A 169 37.27 4.77 10.87
N GLY A 170 37.65 3.51 10.86
CA GLY A 170 38.03 2.81 12.09
C GLY A 170 36.83 2.34 12.90
N MET A 171 35.66 2.29 12.27
CA MET A 171 34.49 1.66 12.86
C MET A 171 34.42 0.20 12.39
N ASN A 172 35.13 -0.69 13.09
CA ASN A 172 35.27 -2.07 12.64
C ASN A 172 34.10 -2.96 13.00
N MET A 173 33.82 -3.89 12.11
CA MET A 173 32.76 -4.83 12.32
C MET A 173 33.28 -6.24 12.61
N GLY A 174 32.46 -7.02 13.30
CA GLY A 174 32.83 -8.39 13.64
C GLY A 174 32.12 -9.37 12.74
N ASP A 175 31.81 -10.54 13.28
CA ASP A 175 31.07 -11.56 12.55
C ASP A 175 29.60 -11.18 12.41
N MET A 176 29.10 -11.31 11.19
CA MET A 176 27.72 -10.97 10.85
C MET A 176 26.70 -11.78 11.66
N TYR A 177 25.78 -11.07 12.30
CA TYR A 177 24.62 -11.70 12.94
C TYR A 177 23.32 -11.51 12.13
N GLU A 178 23.18 -10.36 11.48
CA GLU A 178 21.96 -10.02 10.73
C GLU A 178 22.13 -8.83 9.79
N VAL A 179 21.32 -8.79 8.73
CA VAL A 179 21.09 -7.63 7.86
C VAL A 179 19.61 -7.65 7.47
N ALA A 180 18.91 -6.52 7.59
CA ALA A 180 17.45 -6.53 7.39
C ALA A 180 16.89 -5.15 7.14
N LEU A 181 16.05 -5.01 6.12
CA LEU A 181 15.23 -3.78 5.97
C LEU A 181 14.26 -3.70 7.14
N THR A 182 14.24 -2.54 7.81
CA THR A 182 13.67 -2.40 9.15
C THR A 182 12.86 -1.09 9.33
N VAL A 183 11.74 -1.20 10.03
CA VAL A 183 11.02 -0.03 10.49
C VAL A 183 11.15 -0.02 12.00
N GLU A 184 11.66 1.08 12.52
CA GLU A 184 11.78 1.28 13.95
C GLU A 184 10.86 2.42 14.38
N GLY A 185 10.25 2.28 15.56
CA GLY A 185 9.48 3.35 16.18
C GLY A 185 10.07 3.61 17.56
N TYR A 186 10.14 4.89 17.93
CA TYR A 186 10.59 5.28 19.26
C TYR A 186 9.63 6.28 19.91
N GLN A 187 8.97 5.83 20.98
CA GLN A 187 8.01 6.64 21.76
C GLN A 187 7.02 7.38 20.85
N SER A 188 6.32 6.61 20.01
CA SER A 188 5.49 7.20 18.97
C SER A 188 4.51 6.18 18.41
N SER A 189 3.77 6.60 17.38
CA SER A 189 2.84 5.76 16.65
C SER A 189 3.03 6.03 15.17
N GLY A 190 2.43 5.16 14.35
CA GLY A 190 2.45 5.33 12.90
C GLY A 190 2.26 4.01 12.21
N SER A 191 2.41 4.01 10.89
CA SER A 191 2.35 2.78 10.15
C SER A 191 3.29 2.86 8.95
N ALA A 192 3.55 1.72 8.34
CA ALA A 192 4.45 1.63 7.20
C ALA A 192 4.11 0.39 6.40
N ASN A 193 4.20 0.53 5.09
CA ASN A 193 4.01 -0.60 4.21
C ASN A 193 5.23 -0.78 3.32
N VAL A 194 6.01 -1.82 3.61
CA VAL A 194 7.15 -2.21 2.77
C VAL A 194 6.62 -3.12 1.67
N TYR A 195 6.36 -2.54 0.51
CA TYR A 195 5.81 -3.27 -0.64
C TYR A 195 6.92 -3.88 -1.49
N SER A 196 8.16 -3.46 -1.27
CA SER A 196 9.30 -4.02 -1.99
C SER A 196 10.50 -4.12 -1.06
N ASN A 197 11.15 -5.28 -1.06
CA ASN A 197 12.32 -5.55 -0.23
C ASN A 197 13.00 -6.82 -0.70
N THR A 198 14.06 -6.66 -1.52
CA THR A 198 14.87 -7.78 -2.03
C THR A 198 16.32 -7.64 -1.60
N LEU A 199 16.78 -8.64 -0.84
CA LEU A 199 18.18 -8.74 -0.42
C LEU A 199 18.97 -9.62 -1.39
N ARG A 200 19.99 -9.02 -2.01
CA ARG A 200 20.93 -9.78 -2.85
C ARG A 200 22.26 -9.96 -2.14
N ILE A 201 22.78 -11.17 -2.17
CA ILE A 201 24.11 -11.48 -1.65
C ILE A 201 24.92 -12.04 -2.81
N ASN A 202 25.95 -11.28 -3.20
CA ASN A 202 26.75 -11.54 -4.39
C ASN A 202 25.90 -11.50 -5.67
N GLY A 203 24.90 -10.63 -5.68
CA GLY A 203 23.99 -10.52 -6.80
C GLY A 203 22.87 -11.54 -6.82
N ASN A 204 22.89 -12.50 -5.89
CA ASN A 204 21.83 -13.51 -5.79
C ASN A 204 20.78 -13.18 -4.71
N PRO A 205 19.50 -13.06 -5.13
CA PRO A 205 18.42 -12.74 -4.17
C PRO A 205 18.12 -13.90 -3.20
N LEU A 206 17.69 -13.56 -1.98
CA LEU A 206 17.31 -14.56 -0.96
C LEU A 206 16.25 -15.52 -1.47
N GLU B 1 -14.18 16.93 -23.34
CA GLU B 1 -14.18 16.41 -24.75
C GLU B 1 -13.57 15.00 -24.87
N ILE B 2 -12.52 14.85 -25.65
CA ILE B 2 -11.93 13.54 -25.90
C ILE B 2 -10.76 13.29 -24.94
N VAL B 3 -10.73 12.08 -24.36
CA VAL B 3 -9.75 11.71 -23.32
C VAL B 3 -9.17 10.33 -23.65
N THR B 4 -7.86 10.26 -23.77
CA THR B 4 -7.19 9.02 -24.17
C THR B 4 -6.02 8.67 -23.24
N ASP B 5 -5.86 9.45 -22.18
CA ASP B 5 -4.80 9.20 -21.22
C ASP B 5 -5.33 9.48 -19.81
N ASN B 6 -4.66 8.94 -18.79
CA ASN B 6 -5.03 9.11 -17.38
C ASN B 6 -5.28 10.56 -17.01
N SER B 7 -6.49 10.82 -16.52
CA SER B 7 -6.95 12.19 -16.31
C SER B 7 -8.10 12.26 -15.33
N THR B 8 -8.06 13.30 -14.51
CA THR B 8 -9.08 13.62 -13.51
C THR B 8 -9.51 15.05 -13.73
N GLY B 9 -10.81 15.31 -13.77
CA GLY B 9 -11.32 16.66 -13.84
C GLY B 9 -12.81 16.69 -13.64
N ASN B 10 -13.41 17.86 -13.87
CA ASN B 10 -14.84 18.04 -13.75
C ASN B 10 -15.42 18.44 -15.10
N HIS B 11 -16.46 17.74 -15.54
CA HIS B 11 -17.11 18.05 -16.81
C HIS B 11 -18.62 18.10 -16.59
N ASP B 12 -19.18 19.28 -16.87
CA ASP B 12 -20.63 19.48 -16.79
C ASP B 12 -21.17 19.14 -15.41
N GLY B 13 -20.40 19.49 -14.39
CA GLY B 13 -20.80 19.25 -13.00
C GLY B 13 -20.35 17.91 -12.44
N TYR B 14 -19.99 16.96 -13.31
CA TYR B 14 -19.61 15.61 -12.90
C TYR B 14 -18.10 15.41 -12.89
N ASP B 15 -17.58 14.80 -11.83
CA ASP B 15 -16.17 14.44 -11.78
C ASP B 15 -15.91 13.23 -12.65
N TYR B 16 -15.10 13.41 -13.68
CA TYR B 16 -14.74 12.30 -14.57
C TYR B 16 -13.37 11.78 -14.23
N GLU B 17 -13.15 10.51 -14.52
CA GLU B 17 -11.79 10.04 -14.53
C GLU B 17 -11.59 8.99 -15.60
N PHE B 18 -10.44 9.07 -16.29
CA PHE B 18 -9.95 8.04 -17.20
C PHE B 18 -8.77 7.45 -16.45
N TRP B 19 -8.73 6.14 -16.28
CA TRP B 19 -7.55 5.50 -15.70
C TRP B 19 -7.27 4.16 -16.37
N LYS B 20 -6.03 4.01 -16.82
CA LYS B 20 -5.55 2.71 -17.31
C LYS B 20 -4.10 2.51 -16.90
N ASP B 21 -3.66 1.25 -16.89
CA ASP B 21 -2.25 0.93 -16.73
C ASP B 21 -1.70 0.70 -18.13
N SER B 22 -0.43 0.32 -18.26
CA SER B 22 0.19 0.26 -19.58
C SER B 22 -0.38 -0.90 -20.40
N GLY B 23 -0.33 -0.77 -21.71
CA GLY B 23 -0.86 -1.78 -22.63
C GLY B 23 -2.15 -1.32 -23.28
N GLY B 24 -2.24 -1.51 -24.59
CA GLY B 24 -3.43 -1.21 -25.36
C GLY B 24 -3.84 0.24 -25.27
N SER B 25 -5.10 0.54 -25.57
CA SER B 25 -5.53 1.93 -25.58
C SER B 25 -7.03 2.09 -25.22
N GLY B 26 -7.39 3.31 -24.84
CA GLY B 26 -8.77 3.65 -24.57
C GLY B 26 -9.11 5.06 -25.01
N THR B 27 -10.38 5.27 -25.34
CA THR B 27 -10.93 6.57 -25.71
C THR B 27 -12.23 6.81 -24.94
N MET B 28 -12.29 7.93 -24.24
CA MET B 28 -13.47 8.35 -23.52
C MET B 28 -13.96 9.67 -24.13
N ILE B 29 -15.25 9.76 -24.41
CA ILE B 29 -15.83 11.03 -24.87
C ILE B 29 -16.81 11.55 -23.83
N LEU B 30 -16.58 12.77 -23.37
CA LEU B 30 -17.37 13.33 -22.28
C LEU B 30 -18.55 14.10 -22.87
N ASN B 31 -19.75 13.61 -22.57
CA ASN B 31 -20.99 14.18 -23.08
C ASN B 31 -21.73 14.92 -21.96
N SER B 32 -22.99 15.29 -22.19
CA SER B 32 -23.67 16.21 -21.26
C SER B 32 -23.86 15.57 -19.88
N GLY B 33 -23.71 16.37 -18.83
CA GLY B 33 -23.96 15.89 -17.48
C GLY B 33 -23.07 14.72 -17.10
N GLY B 34 -23.68 13.60 -16.75
CA GLY B 34 -22.92 12.44 -16.33
C GLY B 34 -22.63 11.46 -17.46
N THR B 35 -23.00 11.85 -18.68
CA THR B 35 -22.93 10.94 -19.83
C THR B 35 -21.51 10.93 -20.42
N PHE B 36 -21.17 9.77 -20.99
CA PHE B 36 -19.90 9.58 -21.67
C PHE B 36 -19.97 8.31 -22.50
N SER B 37 -19.07 8.20 -23.46
CA SER B 37 -18.86 6.95 -24.21
C SER B 37 -17.42 6.48 -24.04
N ALA B 38 -17.20 5.20 -24.25
CA ALA B 38 -15.93 4.58 -23.93
C ALA B 38 -15.63 3.53 -24.99
N SER B 39 -14.36 3.44 -25.34
CA SER B 39 -13.83 2.37 -26.15
C SER B 39 -12.50 1.96 -25.60
N TRP B 40 -12.22 0.66 -25.64
CA TRP B 40 -10.93 0.15 -25.24
C TRP B 40 -10.51 -1.03 -26.13
N SER B 41 -9.20 -1.17 -26.31
CA SER B 41 -8.62 -2.23 -27.13
C SER B 41 -7.32 -2.72 -26.48
N SER B 42 -7.23 -4.04 -26.29
CA SER B 42 -6.03 -4.71 -25.78
C SER B 42 -5.45 -4.09 -24.50
N VAL B 43 -6.34 -3.72 -23.57
CA VAL B 43 -5.94 -3.14 -22.30
C VAL B 43 -5.59 -4.24 -21.30
N SER B 44 -4.85 -3.91 -20.25
CA SER B 44 -4.77 -4.78 -19.08
C SER B 44 -5.93 -4.35 -18.17
N ASN B 45 -5.81 -3.18 -17.53
CA ASN B 45 -6.90 -2.57 -16.78
C ASN B 45 -7.24 -1.17 -17.27
N ILE B 46 -8.54 -0.89 -17.39
CA ILE B 46 -9.02 0.43 -17.77
C ILE B 46 -10.34 0.71 -17.06
N LEU B 47 -10.51 1.96 -16.65
CA LEU B 47 -11.73 2.42 -16.00
C LEU B 47 -12.15 3.73 -16.63
N PHE B 48 -13.45 3.83 -16.91
CA PHE B 48 -14.05 5.09 -17.37
C PHE B 48 -15.16 5.43 -16.38
N ARG B 49 -15.22 6.66 -15.88
CA ARG B 49 -16.29 7.03 -14.95
C ARG B 49 -16.61 8.52 -14.87
N LYS B 50 -17.86 8.79 -14.47
CA LYS B 50 -18.32 10.12 -14.08
C LYS B 50 -19.20 9.92 -12.87
N GLY B 51 -18.96 10.72 -11.83
CA GLY B 51 -19.86 10.78 -10.70
C GLY B 51 -19.45 11.94 -9.81
N LYS B 52 -19.12 11.63 -8.56
CA LYS B 52 -18.75 12.63 -7.57
C LYS B 52 -17.52 12.20 -6.75
N LYS B 53 -16.50 13.06 -6.70
CA LYS B 53 -15.38 12.88 -5.78
C LYS B 53 -15.59 13.74 -4.54
N PHE B 54 -15.25 13.18 -3.38
CA PHE B 54 -15.46 13.82 -2.09
C PHE B 54 -14.12 14.08 -1.40
N ASN B 55 -14.12 14.96 -0.41
CA ASN B 55 -12.87 15.34 0.24
C ASN B 55 -12.42 14.46 1.40
N GLU B 56 -12.95 13.23 1.46
CA GLU B 56 -12.51 12.24 2.44
C GLU B 56 -12.73 12.66 3.90
N THR B 57 -13.84 13.34 4.16
CA THR B 57 -14.11 13.85 5.48
C THR B 57 -15.40 13.27 6.07
N GLN B 58 -16.24 12.69 5.22
CA GLN B 58 -17.58 12.27 5.63
C GLN B 58 -17.87 10.81 5.35
N THR B 59 -18.58 10.18 6.28
CA THR B 59 -19.11 8.83 6.08
C THR B 59 -20.24 8.94 5.06
N HIS B 60 -20.67 7.80 4.51
CA HIS B 60 -21.77 7.81 3.56
C HIS B 60 -23.05 8.32 4.22
N GLN B 61 -23.26 7.99 5.49
CA GLN B 61 -24.39 8.57 6.24
C GLN B 61 -24.39 10.11 6.27
N GLN B 62 -23.21 10.70 6.51
CA GLN B 62 -23.07 12.15 6.56
C GLN B 62 -23.20 12.83 5.19
N VAL B 63 -22.76 12.14 4.13
CA VAL B 63 -22.94 12.63 2.77
C VAL B 63 -24.45 12.69 2.48
N GLY B 64 -25.15 11.61 2.81
CA GLY B 64 -26.57 11.53 2.63
C GLY B 64 -26.91 10.34 1.75
N ASN B 65 -28.19 10.26 1.39
CA ASN B 65 -28.69 9.14 0.60
C ASN B 65 -28.30 9.33 -0.85
N MET B 66 -27.64 8.31 -1.40
CA MET B 66 -27.09 8.36 -2.76
C MET B 66 -27.83 7.40 -3.66
N SER B 67 -28.09 7.86 -4.87
CA SER B 67 -28.87 7.11 -5.85
C SER B 67 -28.47 7.58 -7.24
N ILE B 68 -28.36 6.63 -8.17
CA ILE B 68 -28.02 6.92 -9.57
C ILE B 68 -29.08 6.34 -10.52
N SER B 69 -29.61 7.17 -11.42
CA SER B 69 -30.40 6.67 -12.54
C SER B 69 -29.48 6.60 -13.72
N TYR B 70 -29.46 5.48 -14.42
CA TYR B 70 -28.52 5.31 -15.51
C TYR B 70 -29.09 4.51 -16.67
N GLY B 71 -28.50 4.68 -17.85
CA GLY B 71 -28.80 3.84 -19.02
C GLY B 71 -27.55 3.77 -19.86
N ALA B 72 -27.16 2.56 -20.25
CA ALA B 72 -25.97 2.40 -21.06
C ALA B 72 -26.17 1.36 -22.15
N ASN B 73 -25.61 1.61 -23.32
CA ASN B 73 -25.49 0.59 -24.34
C ASN B 73 -24.12 -0.04 -24.12
N PHE B 74 -24.13 -1.27 -23.63
CA PHE B 74 -22.95 -1.89 -23.08
C PHE B 74 -22.49 -3.03 -23.96
N GLN B 75 -21.39 -2.82 -24.70
CA GLN B 75 -20.91 -3.79 -25.69
C GLN B 75 -19.45 -4.29 -25.51
N PRO B 76 -19.18 -5.05 -24.43
CA PRO B 76 -17.81 -5.53 -24.25
C PRO B 76 -17.51 -6.81 -25.03
N SER B 77 -16.25 -7.00 -25.43
CA SER B 77 -15.76 -8.24 -26.06
C SER B 77 -14.73 -8.91 -25.13
N GLY B 78 -15.23 -9.51 -24.06
CA GLY B 78 -14.37 -10.09 -23.02
C GLY B 78 -14.79 -9.58 -21.66
N ASN B 79 -13.86 -9.57 -20.71
CA ASN B 79 -14.11 -9.16 -19.33
C ASN B 79 -14.29 -7.65 -19.18
N ALA B 80 -15.41 -7.26 -18.56
CA ALA B 80 -15.81 -5.87 -18.37
C ALA B 80 -16.95 -5.78 -17.36
N TYR B 81 -17.10 -4.61 -16.73
CA TYR B 81 -18.16 -4.35 -15.78
C TYR B 81 -18.85 -3.04 -16.08
N LEU B 82 -20.17 -3.05 -15.93
CA LEU B 82 -20.95 -1.83 -15.90
C LEU B 82 -21.37 -1.76 -14.43
N CYS B 83 -20.96 -0.70 -13.74
CA CYS B 83 -21.07 -0.65 -12.29
C CYS B 83 -21.07 0.76 -11.73
N VAL B 84 -21.53 0.86 -10.47
CA VAL B 84 -21.19 1.99 -9.62
C VAL B 84 -19.88 1.63 -8.85
N TYR B 85 -18.93 2.55 -8.87
CA TYR B 85 -17.60 2.28 -8.36
C TYR B 85 -17.17 3.43 -7.45
N GLY B 86 -16.27 3.13 -6.52
CA GLY B 86 -15.68 4.20 -5.72
C GLY B 86 -14.74 3.71 -4.65
N TRP B 87 -14.43 4.61 -3.73
CA TRP B 87 -13.50 4.32 -2.63
C TRP B 87 -13.97 4.98 -1.35
N THR B 88 -13.53 4.41 -0.24
CA THR B 88 -13.43 5.12 1.03
C THR B 88 -11.99 5.06 1.49
N VAL B 89 -11.68 5.89 2.49
CA VAL B 89 -10.43 5.89 3.25
C VAL B 89 -10.76 5.72 4.74
N SER B 90 -9.82 5.21 5.51
CA SER B 90 -9.96 4.92 6.97
C SER B 90 -11.23 4.15 7.35
N PRO B 91 -11.37 2.89 6.89
CA PRO B 91 -10.47 2.06 6.08
C PRO B 91 -10.45 2.36 4.56
N LEU B 92 -9.33 2.05 3.94
CA LEU B 92 -9.18 2.12 2.49
C LEU B 92 -9.90 0.92 1.88
N VAL B 93 -10.93 1.23 1.08
CA VAL B 93 -11.79 0.24 0.48
C VAL B 93 -12.12 0.69 -0.94
N GLU B 94 -11.97 -0.25 -1.87
CA GLU B 94 -12.47 -0.10 -3.22
C GLU B 94 -13.79 -0.87 -3.33
N TYR B 95 -14.85 -0.21 -3.80
CA TYR B 95 -16.15 -0.87 -3.84
C TYR B 95 -16.83 -0.92 -5.22
N TYR B 96 -17.74 -1.88 -5.36
CA TYR B 96 -18.42 -2.18 -6.62
C TYR B 96 -19.87 -2.52 -6.38
N ILE B 97 -20.75 -1.94 -7.19
CA ILE B 97 -22.13 -2.44 -7.34
C ILE B 97 -22.26 -2.69 -8.84
N VAL B 98 -22.26 -3.95 -9.23
CA VAL B 98 -22.17 -4.37 -10.62
C VAL B 98 -23.55 -4.83 -11.11
N ASP B 99 -24.06 -4.16 -12.15
CA ASP B 99 -25.37 -4.46 -12.75
C ASP B 99 -25.20 -5.29 -14.01
N SER B 100 -24.06 -5.11 -14.69
CA SER B 100 -23.73 -5.98 -15.83
C SER B 100 -22.23 -6.28 -15.97
N TRP B 101 -21.92 -7.33 -16.74
CA TRP B 101 -20.55 -7.77 -16.95
C TRP B 101 -20.39 -8.41 -18.34
N GLY B 102 -19.19 -8.84 -18.70
CA GLY B 102 -18.96 -9.49 -20.00
C GLY B 102 -18.98 -11.00 -19.88
N ASN B 103 -17.82 -11.63 -20.03
CA ASN B 103 -17.78 -13.10 -20.08
C ASN B 103 -17.64 -13.77 -18.74
N TRP B 104 -17.51 -12.97 -17.68
CA TRP B 104 -17.20 -13.48 -16.34
C TRP B 104 -17.89 -12.65 -15.27
N ARG B 105 -18.72 -13.33 -14.47
CA ARG B 105 -19.39 -12.70 -13.34
C ARG B 105 -18.43 -12.59 -12.17
N PRO B 106 -18.12 -11.35 -11.74
CA PRO B 106 -17.15 -11.15 -10.66
C PRO B 106 -17.77 -11.39 -9.28
N PRO B 107 -16.93 -11.51 -8.23
CA PRO B 107 -15.47 -11.50 -8.24
C PRO B 107 -14.80 -12.87 -8.07
N GLY B 108 -15.58 -13.96 -8.09
CA GLY B 108 -15.01 -15.30 -7.88
C GLY B 108 -14.70 -15.59 -6.42
N ALA B 109 -15.66 -15.31 -5.55
CA ALA B 109 -15.48 -15.51 -4.13
C ALA B 109 -16.76 -16.11 -3.60
N THR B 110 -16.75 -16.49 -2.34
CA THR B 110 -17.93 -17.00 -1.67
C THR B 110 -18.76 -15.79 -1.23
N PRO B 111 -20.07 -15.79 -1.53
CA PRO B 111 -20.92 -14.70 -1.09
C PRO B 111 -21.03 -14.66 0.43
N LYS B 112 -21.23 -13.47 0.97
CA LYS B 112 -21.41 -13.29 2.41
C LYS B 112 -22.87 -13.01 2.74
N GLY B 113 -23.66 -12.74 1.72
CA GLY B 113 -25.05 -12.36 1.89
C GLY B 113 -25.65 -11.94 0.56
N THR B 114 -26.90 -11.48 0.61
CA THR B 114 -27.58 -10.93 -0.54
C THR B 114 -28.37 -9.69 -0.14
N ILE B 115 -28.56 -8.81 -1.12
CA ILE B 115 -29.47 -7.70 -0.99
C ILE B 115 -30.38 -7.67 -2.22
N THR B 116 -31.66 -7.55 -1.96
CA THR B 116 -32.70 -7.46 -2.96
C THR B 116 -33.18 -6.00 -2.95
N VAL B 117 -32.97 -5.33 -4.07
CA VAL B 117 -33.07 -3.90 -4.18
C VAL B 117 -33.17 -3.61 -5.68
N ASP B 118 -33.88 -2.55 -6.05
CA ASP B 118 -33.93 -2.13 -7.44
C ASP B 118 -34.34 -3.24 -8.41
N GLY B 119 -35.35 -4.02 -8.02
CA GLY B 119 -35.94 -5.04 -8.85
C GLY B 119 -35.06 -6.24 -9.15
N GLY B 120 -33.99 -6.41 -8.37
CA GLY B 120 -33.06 -7.53 -8.57
C GLY B 120 -32.43 -7.98 -7.26
N THR B 121 -31.69 -9.09 -7.34
CA THR B 121 -30.96 -9.64 -6.20
C THR B 121 -29.46 -9.63 -6.48
N TYR B 122 -28.70 -9.18 -5.50
CA TYR B 122 -27.25 -9.07 -5.59
C TYR B 122 -26.61 -9.95 -4.55
N ASP B 123 -25.61 -10.73 -4.97
CA ASP B 123 -24.71 -11.35 -4.01
C ASP B 123 -23.64 -10.37 -3.54
N ILE B 124 -23.36 -10.46 -2.25
CA ILE B 124 -22.39 -9.61 -1.59
C ILE B 124 -21.11 -10.38 -1.26
N TYR B 125 -19.98 -9.76 -1.59
CA TYR B 125 -18.66 -10.38 -1.44
C TYR B 125 -17.67 -9.37 -0.87
N GLU B 126 -16.66 -9.90 -0.20
CA GLU B 126 -15.51 -9.12 0.23
C GLU B 126 -14.24 -9.84 -0.24
N THR B 127 -13.34 -9.09 -0.86
CA THR B 127 -12.06 -9.63 -1.30
C THR B 127 -10.93 -8.71 -0.85
N ASP B 128 -9.70 -9.16 -1.08
CA ASP B 128 -8.52 -8.53 -0.52
C ASP B 128 -7.52 -8.26 -1.64
N ARG B 129 -6.97 -7.04 -1.65
CA ARG B 129 -5.91 -6.68 -2.58
C ARG B 129 -4.69 -6.35 -1.75
N THR B 130 -3.59 -7.06 -2.02
CA THR B 130 -2.35 -6.93 -1.26
C THR B 130 -1.30 -6.23 -2.11
N ASN B 131 -0.86 -5.06 -1.66
CA ASN B 131 0.19 -4.28 -2.30
C ASN B 131 -0.10 -4.02 -3.77
N GLN B 132 -1.29 -3.48 -4.02
CA GLN B 132 -1.75 -3.23 -5.37
C GLN B 132 -1.88 -1.73 -5.58
N PRO B 133 -1.96 -1.31 -6.86
CA PRO B 133 -2.32 0.08 -7.16
C PRO B 133 -3.63 0.53 -6.48
N SER B 134 -3.62 1.76 -5.99
CA SER B 134 -4.78 2.32 -5.30
C SER B 134 -4.73 3.83 -5.42
N ILE B 135 -5.81 4.47 -4.97
CA ILE B 135 -5.87 5.93 -4.90
C ILE B 135 -4.82 6.50 -3.94
N LYS B 136 -4.21 5.63 -3.13
CA LYS B 136 -3.13 6.03 -2.20
C LYS B 136 -1.77 5.36 -2.53
N GLY B 137 -1.49 5.12 -3.80
CA GLY B 137 -0.29 4.37 -4.21
C GLY B 137 -0.43 2.88 -3.99
N VAL B 138 0.70 2.17 -3.98
CA VAL B 138 0.72 0.74 -3.70
C VAL B 138 0.25 0.54 -2.27
N ALA B 139 -0.78 -0.28 -2.10
CA ALA B 139 -1.46 -0.40 -0.81
C ALA B 139 -2.20 -1.71 -0.68
N THR B 140 -2.46 -2.10 0.55
CA THR B 140 -3.35 -3.22 0.84
C THR B 140 -4.72 -2.63 1.25
N PHE B 141 -5.78 -3.22 0.71
CA PHE B 141 -7.13 -2.73 0.93
C PHE B 141 -8.17 -3.80 0.59
N SER B 142 -9.36 -3.65 1.15
CA SER B 142 -10.46 -4.57 0.89
C SER B 142 -11.28 -4.10 -0.31
N GLN B 143 -11.96 -5.03 -0.95
CA GLN B 143 -12.96 -4.66 -1.95
C GLN B 143 -14.29 -5.19 -1.45
N TYR B 144 -15.33 -4.35 -1.61
CA TYR B 144 -16.70 -4.74 -1.30
C TYR B 144 -17.45 -4.78 -2.60
N TRP B 145 -18.23 -5.84 -2.81
CA TRP B 145 -18.97 -6.10 -4.06
C TRP B 145 -20.44 -6.39 -3.78
N SER B 146 -21.31 -5.79 -4.59
CA SER B 146 -22.67 -6.28 -4.81
C SER B 146 -22.75 -6.58 -6.30
N THR B 147 -23.13 -7.81 -6.64
CA THR B 147 -23.19 -8.27 -8.04
C THR B 147 -24.57 -8.80 -8.36
N ARG B 148 -25.27 -8.14 -9.29
CA ARG B 148 -26.64 -8.53 -9.65
C ARG B 148 -26.64 -9.96 -10.17
N ARG B 149 -27.76 -10.66 -9.97
CA ARG B 149 -27.85 -12.05 -10.41
C ARG B 149 -28.19 -12.19 -11.86
N SER B 150 -28.78 -11.14 -12.43
CA SER B 150 -29.00 -11.12 -13.86
C SER B 150 -28.67 -9.75 -14.43
N LYS B 151 -28.01 -9.72 -15.59
CA LYS B 151 -27.55 -8.49 -16.23
C LYS B 151 -28.65 -7.45 -16.46
N ARG B 152 -28.30 -6.18 -16.31
CA ARG B 152 -29.21 -5.07 -16.56
C ARG B 152 -28.32 -3.88 -17.00
N THR B 153 -28.79 -3.07 -17.95
CA THR B 153 -27.98 -1.93 -18.41
C THR B 153 -28.69 -0.58 -18.30
N SER B 154 -29.79 -0.54 -17.56
CA SER B 154 -30.43 0.73 -17.23
C SER B 154 -31.30 0.51 -16.01
N GLY B 155 -31.61 1.58 -15.29
CA GLY B 155 -32.40 1.47 -14.06
C GLY B 155 -31.89 2.46 -13.01
N THR B 156 -32.36 2.28 -11.77
CA THR B 156 -31.90 3.04 -10.61
C THR B 156 -31.02 2.16 -9.72
N ILE B 157 -29.88 2.69 -9.30
CA ILE B 157 -29.03 2.02 -8.31
C ILE B 157 -29.13 2.79 -7.01
N SER B 158 -29.71 2.12 -6.01
CA SER B 158 -29.91 2.72 -4.68
C SER B 158 -28.63 2.50 -3.91
N VAL B 159 -27.63 3.30 -4.24
CA VAL B 159 -26.27 3.12 -3.72
C VAL B 159 -26.23 2.89 -2.20
N SER B 160 -26.88 3.78 -1.44
CA SER B 160 -26.83 3.77 0.02
C SER B 160 -27.43 2.49 0.64
N ASN B 161 -28.42 1.90 -0.02
CA ASN B 161 -28.97 0.60 0.37
C ASN B 161 -27.90 -0.49 0.41
N HIS B 162 -27.05 -0.52 -0.62
CA HIS B 162 -25.90 -1.43 -0.67
C HIS B 162 -24.93 -1.16 0.46
N PHE B 163 -24.65 0.13 0.70
CA PHE B 163 -23.71 0.57 1.75
C PHE B 163 -24.18 0.08 3.10
N ARG B 164 -25.47 0.29 3.38
CA ARG B 164 -26.10 -0.18 4.61
C ARG B 164 -26.04 -1.71 4.79
N ALA B 165 -26.29 -2.45 3.70
CA ALA B 165 -26.23 -3.90 3.70
C ALA B 165 -24.82 -4.42 3.95
N TRP B 166 -23.82 -3.83 3.28
CA TRP B 166 -22.43 -4.19 3.55
C TRP B 166 -22.09 -4.00 5.03
N GLU B 167 -22.42 -2.84 5.58
CA GLU B 167 -22.09 -2.54 6.97
C GLU B 167 -22.75 -3.46 7.99
N SER B 168 -24.00 -3.85 7.71
CA SER B 168 -24.74 -4.89 8.44
C SER B 168 -24.05 -6.26 8.47
N LEU B 169 -23.27 -6.59 7.43
CA LEU B 169 -22.48 -7.82 7.39
C LEU B 169 -21.07 -7.59 7.95
N GLY B 170 -20.84 -6.42 8.53
CA GLY B 170 -19.53 -6.08 9.07
C GLY B 170 -18.53 -5.56 8.06
N MET B 171 -18.96 -5.32 6.83
CA MET B 171 -18.12 -4.69 5.82
C MET B 171 -18.20 -3.17 5.99
N ASN B 172 -17.40 -2.64 6.91
CA ASN B 172 -17.46 -1.21 7.21
C ASN B 172 -16.72 -0.29 6.29
N MET B 173 -17.33 0.85 6.10
CA MET B 173 -16.83 1.83 5.20
C MET B 173 -16.24 3.02 5.95
N GLY B 174 -15.28 3.67 5.31
CA GLY B 174 -14.59 4.82 5.87
C GLY B 174 -15.19 6.12 5.35
N ASP B 175 -14.39 7.17 5.32
CA ASP B 175 -14.76 8.44 4.72
C ASP B 175 -14.82 8.31 3.19
N MET B 176 -15.88 8.86 2.61
CA MET B 176 -16.12 8.81 1.16
C MET B 176 -15.02 9.54 0.39
N TYR B 177 -14.47 8.86 -0.59
CA TYR B 177 -13.58 9.44 -1.59
C TYR B 177 -14.28 9.64 -2.94
N GLU B 178 -15.19 8.73 -3.29
CA GLU B 178 -15.85 8.78 -4.60
C GLU B 178 -17.08 7.90 -4.70
N VAL B 179 -17.99 8.32 -5.58
CA VAL B 179 -19.07 7.49 -6.11
C VAL B 179 -19.26 7.86 -7.61
N ALA B 180 -19.35 6.85 -8.48
CA ALA B 180 -19.37 7.10 -9.92
C ALA B 180 -19.90 5.92 -10.70
N LEU B 181 -20.78 6.18 -11.66
CA LEU B 181 -21.11 5.16 -12.67
C LEU B 181 -19.88 4.91 -13.58
N THR B 182 -19.52 3.63 -13.73
CA THR B 182 -18.21 3.23 -14.23
C THR B 182 -18.29 2.08 -15.25
N VAL B 183 -17.44 2.18 -16.27
CA VAL B 183 -17.16 1.06 -17.18
C VAL B 183 -15.71 0.65 -16.96
N GLU B 184 -15.55 -0.62 -16.59
CA GLU B 184 -14.24 -1.23 -16.41
C GLU B 184 -14.00 -2.31 -17.45
N GLY B 185 -12.79 -2.36 -17.97
CA GLY B 185 -12.36 -3.40 -18.91
C GLY B 185 -11.18 -4.11 -18.30
N TYR B 186 -11.16 -5.43 -18.43
CA TYR B 186 -10.03 -6.24 -17.95
C TYR B 186 -9.54 -7.20 -19.04
N GLN B 187 -8.31 -6.97 -19.48
CA GLN B 187 -7.65 -7.79 -20.49
C GLN B 187 -8.56 -8.11 -21.67
N SER B 188 -9.06 -7.05 -22.33
CA SER B 188 -10.13 -7.18 -23.30
C SER B 188 -10.29 -5.92 -24.12
N SER B 189 -11.33 -5.93 -24.95
CA SER B 189 -11.75 -4.83 -25.78
C SER B 189 -13.25 -4.69 -25.70
N GLY B 190 -13.77 -3.57 -26.16
CA GLY B 190 -15.20 -3.37 -26.23
C GLY B 190 -15.49 -1.89 -26.33
N SER B 191 -16.77 -1.55 -26.24
CA SER B 191 -17.18 -0.18 -26.17
C SER B 191 -18.45 -0.08 -25.36
N ALA B 192 -18.82 1.15 -25.01
CA ALA B 192 -19.97 1.39 -24.18
C ALA B 192 -20.43 2.83 -24.41
N ASN B 193 -21.73 3.04 -24.38
CA ASN B 193 -22.29 4.37 -24.42
C ASN B 193 -23.29 4.60 -23.30
N VAL B 194 -22.84 5.37 -22.31
CA VAL B 194 -23.65 5.78 -21.16
C VAL B 194 -24.43 7.00 -21.60
N TYR B 195 -25.67 6.77 -22.01
CA TYR B 195 -26.53 7.85 -22.52
C TYR B 195 -27.33 8.48 -21.36
N SER B 196 -27.32 7.82 -20.21
CA SER B 196 -28.00 8.37 -19.04
C SER B 196 -27.20 8.08 -17.76
N ASN B 197 -27.00 9.10 -16.95
CA ASN B 197 -26.30 8.97 -15.67
C ASN B 197 -26.53 10.20 -14.82
N THR B 198 -27.44 10.09 -13.85
CA THR B 198 -27.75 11.20 -12.92
C THR B 198 -27.53 10.72 -11.48
N LEU B 199 -26.60 11.37 -10.77
CA LEU B 199 -26.41 11.11 -9.37
C LEU B 199 -27.24 12.07 -8.51
N ARG B 200 -28.08 11.51 -7.65
CA ARG B 200 -28.80 12.31 -6.66
C ARG B 200 -28.24 12.05 -5.26
N ILE B 201 -28.10 13.12 -4.49
CA ILE B 201 -27.65 13.04 -3.11
C ILE B 201 -28.71 13.76 -2.32
N ASN B 202 -29.38 13.00 -1.46
CA ASN B 202 -30.57 13.45 -0.74
C ASN B 202 -31.69 13.89 -1.68
N GLY B 203 -31.80 13.20 -2.81
CA GLY B 203 -32.78 13.57 -3.83
C GLY B 203 -32.42 14.75 -4.74
N ASN B 204 -31.27 15.39 -4.49
CA ASN B 204 -30.82 16.52 -5.32
C ASN B 204 -29.73 16.10 -6.32
N PRO B 205 -29.98 16.30 -7.63
CA PRO B 205 -29.01 15.91 -8.69
C PRO B 205 -27.73 16.76 -8.68
N LEU B 206 -26.61 16.18 -9.11
CA LEU B 206 -25.37 16.95 -9.29
C LEU B 206 -25.52 18.18 -10.19
#